data_2C1Y
#
_entry.id   2C1Y
#
_cell.length_a   35.421
_cell.length_b   119.095
_cell.length_c   64.034
_cell.angle_alpha   90.00
_cell.angle_beta   100.53
_cell.angle_gamma   90.00
#
_symmetry.space_group_name_H-M   'P 1 21 1'
#
loop_
_entity.id
_entity.type
_entity.pdbx_description
1 polymer 'WINDBEUTEL PROTEIN'
2 water water
#
_entity_poly.entity_id   1
_entity_poly.type   'polypeptide(L)'
_entity_poly.pdbx_seq_one_letter_code
;MRGSHHHHHHGSVTCTGCVDLDELSFEKTVERFPYSVVKFDIAYPKGEKHEAFTAFSKSAHKATKDLLIATVGVKDYGEL
ENKALGDRYKVDDKNFPSIFLFKGNADEYVQLPSHVDVTLDNLKAFVSANTPLYIGRDGCIKEFNEVLKNYANIPDAEQL
KLIEKLQAKQEQLTDPEQQQNARAYLIYMRKIHEVGYDFLEEETKRLLRLKAGKVTEAKKEELLRKLNILEVFRVHKVTK
TAPEKEEL
;
_entity_poly.pdbx_strand_id   A,B
#
# COMPACT_ATOMS: atom_id res chain seq x y z
N THR A 14 13.19 -7.82 -1.84
CA THR A 14 12.84 -6.54 -1.30
C THR A 14 11.56 -6.36 -2.04
N CYS A 15 11.06 -7.41 -2.65
CA CYS A 15 9.73 -7.29 -3.35
C CYS A 15 9.18 -5.92 -3.90
N THR A 16 8.51 -5.98 -5.06
CA THR A 16 7.86 -4.87 -5.75
C THR A 16 6.82 -4.24 -4.76
N GLY A 17 6.91 -2.94 -4.50
CA GLY A 17 5.89 -2.25 -3.82
C GLY A 17 6.18 -2.21 -2.35
N CYS A 18 7.21 -2.93 -1.89
CA CYS A 18 7.49 -3.14 -0.41
C CYS A 18 8.52 -2.12 -0.07
N VAL A 19 8.21 -1.16 0.79
CA VAL A 19 9.33 -0.24 1.21
C VAL A 19 10.28 -0.81 2.24
N ASP A 20 11.59 -0.66 1.94
CA ASP A 20 12.62 -1.23 2.74
C ASP A 20 13.02 -0.23 3.79
N LEU A 21 12.85 -0.65 5.04
CA LEU A 21 12.92 0.12 6.23
C LEU A 21 14.15 -0.35 7.11
N ASP A 22 14.60 0.53 8.02
CA ASP A 22 15.75 0.28 8.88
C ASP A 22 15.55 1.02 10.19
N GLU A 23 16.48 0.91 11.11
CA GLU A 23 16.36 1.55 12.43
C GLU A 23 16.09 3.08 12.42
N LEU A 24 16.73 3.89 11.55
CA LEU A 24 16.42 5.34 11.53
C LEU A 24 15.02 5.66 10.91
N SER A 25 14.65 4.94 9.90
CA SER A 25 13.37 5.22 9.28
C SER A 25 12.11 4.36 9.73
N PHE A 26 12.25 3.29 10.48
CA PHE A 26 11.10 2.44 10.73
C PHE A 26 9.93 3.26 11.35
N GLU A 27 10.12 3.76 12.54
CA GLU A 27 9.00 4.24 13.33
C GLU A 27 8.35 5.44 12.67
N LYS A 28 9.18 6.35 12.15
CA LYS A 28 8.68 7.62 11.51
C LYS A 28 7.79 7.29 10.32
N THR A 29 8.15 6.31 9.47
CA THR A 29 7.38 5.91 8.30
C THR A 29 6.08 5.05 8.64
N VAL A 30 6.22 4.11 9.57
CA VAL A 30 5.09 3.30 10.00
C VAL A 30 4.02 4.28 10.48
N GLU A 31 4.39 5.26 11.26
CA GLU A 31 3.45 6.17 11.91
C GLU A 31 2.86 7.31 11.04
N ARG A 32 3.30 7.46 9.81
CA ARG A 32 2.67 8.36 8.82
C ARG A 32 1.62 7.67 8.01
N PHE A 33 1.54 6.34 8.09
CA PHE A 33 0.43 5.61 7.44
C PHE A 33 -0.68 5.14 8.39
N PRO A 34 -1.95 5.18 7.94
CA PRO A 34 -2.89 4.67 8.96
C PRO A 34 -2.75 3.15 9.30
N TYR A 35 -2.23 2.34 8.35
CA TYR A 35 -2.09 0.89 8.50
C TYR A 35 -0.79 0.53 7.79
N SER A 36 -0.11 -0.48 8.31
CA SER A 36 1.18 -0.97 7.79
C SER A 36 1.21 -2.49 8.02
N VAL A 37 1.71 -3.26 7.08
CA VAL A 37 2.02 -4.66 7.27
C VAL A 37 3.51 -4.72 6.92
N VAL A 38 4.31 -5.28 7.83
CA VAL A 38 5.77 -5.28 7.75
C VAL A 38 6.23 -6.76 7.92
N LYS A 39 7.08 -7.25 7.02
CA LYS A 39 7.76 -8.58 7.12
C LYS A 39 9.18 -8.38 7.62
N PHE A 40 9.46 -8.94 8.77
CA PHE A 40 10.84 -9.07 9.26
C PHE A 40 11.44 -10.34 8.74
N ASP A 41 12.65 -10.35 8.25
CA ASP A 41 13.07 -11.55 7.65
C ASP A 41 14.58 -11.46 7.51
N ILE A 42 15.20 -12.47 6.95
CA ILE A 42 16.63 -12.39 6.63
C ILE A 42 16.86 -11.26 5.61
N ALA A 43 18.08 -10.82 5.45
CA ALA A 43 18.44 -10.03 4.32
C ALA A 43 18.45 -11.07 3.16
N TYR A 44 17.75 -10.77 2.07
CA TYR A 44 17.85 -11.62 0.83
C TYR A 44 17.00 -12.82 0.84
N PRO A 45 15.68 -12.61 1.09
CA PRO A 45 14.75 -13.66 1.15
C PRO A 45 14.57 -14.24 -0.28
N LYS A 46 14.63 -15.57 -0.41
CA LYS A 46 14.21 -16.31 -1.64
C LYS A 46 13.17 -17.29 -1.10
N GLY A 47 12.18 -17.72 -1.89
CA GLY A 47 11.29 -18.86 -1.43
C GLY A 47 9.78 -18.63 -1.51
N GLU A 48 8.97 -19.63 -1.19
CA GLU A 48 7.49 -19.54 -1.39
C GLU A 48 6.84 -18.55 -0.41
N LYS A 49 7.43 -18.45 0.80
CA LYS A 49 6.92 -17.49 1.80
C LYS A 49 7.19 -16.04 1.32
N HIS A 50 8.28 -15.85 0.58
CA HIS A 50 8.65 -14.49 0.06
C HIS A 50 7.84 -14.05 -1.19
N GLU A 51 7.65 -15.04 -2.08
CA GLU A 51 6.84 -14.96 -3.30
C GLU A 51 5.37 -14.66 -3.03
N ALA A 52 4.83 -15.16 -1.91
CA ALA A 52 3.52 -14.78 -1.51
C ALA A 52 3.38 -13.41 -0.89
N PHE A 53 4.40 -12.90 -0.24
CA PHE A 53 4.35 -11.56 0.32
C PHE A 53 4.36 -10.59 -0.83
N THR A 54 5.15 -10.99 -1.82
CA THR A 54 5.35 -10.24 -2.98
C THR A 54 4.03 -10.17 -3.68
N ALA A 55 3.37 -11.32 -3.84
CA ALA A 55 2.10 -11.32 -4.46
C ALA A 55 1.06 -10.46 -3.66
N PHE A 56 1.21 -10.41 -2.35
CA PHE A 56 0.28 -9.68 -1.48
C PHE A 56 0.55 -8.20 -1.53
N SER A 57 1.84 -7.84 -1.54
CA SER A 57 2.24 -6.47 -1.89
C SER A 57 1.47 -5.94 -3.10
N LYS A 58 1.55 -6.59 -4.25
CA LYS A 58 0.89 -6.15 -5.49
C LYS A 58 -0.65 -6.09 -5.44
N SER A 59 -1.29 -7.11 -4.91
CA SER A 59 -2.69 -7.09 -4.67
C SER A 59 -3.22 -5.97 -3.73
N ALA A 60 -2.49 -5.72 -2.64
CA ALA A 60 -2.73 -4.66 -1.67
C ALA A 60 -2.67 -3.28 -2.28
N HIS A 61 -1.57 -2.99 -3.00
CA HIS A 61 -1.42 -1.76 -3.77
C HIS A 61 -2.56 -1.51 -4.75
N LYS A 62 -3.11 -2.59 -5.32
CA LYS A 62 -4.30 -2.50 -6.24
C LYS A 62 -5.61 -2.07 -5.43
N ALA A 63 -5.75 -2.53 -4.17
CA ALA A 63 -7.01 -2.39 -3.46
C ALA A 63 -7.06 -1.13 -2.61
N THR A 64 -5.90 -0.60 -2.27
CA THR A 64 -5.91 0.51 -1.36
C THR A 64 -4.82 1.53 -1.63
N LYS A 65 -5.03 2.76 -1.09
CA LYS A 65 -3.95 3.72 -0.94
C LYS A 65 -3.49 3.92 0.52
N ASP A 66 -4.13 3.30 1.51
CA ASP A 66 -3.86 3.54 2.99
C ASP A 66 -2.90 2.65 3.70
N LEU A 67 -2.30 1.76 2.95
CA LEU A 67 -1.62 0.66 3.58
C LEU A 67 -0.16 0.73 3.18
N LEU A 68 0.66 0.82 4.20
CA LEU A 68 2.10 0.59 3.95
C LEU A 68 2.45 -0.90 3.81
N ILE A 69 3.04 -1.36 2.68
CA ILE A 69 3.65 -2.68 2.68
C ILE A 69 5.20 -2.48 2.78
N ALA A 70 5.81 -2.99 3.85
CA ALA A 70 7.25 -2.74 4.15
C ALA A 70 8.04 -4.02 4.52
N THR A 71 9.38 -3.94 4.48
CA THR A 71 10.13 -5.10 4.76
C THR A 71 11.28 -4.66 5.70
N VAL A 72 11.66 -5.52 6.67
CA VAL A 72 12.87 -5.29 7.46
C VAL A 72 13.77 -6.50 7.30
N GLY A 73 14.91 -6.29 6.65
CA GLY A 73 15.98 -7.34 6.55
C GLY A 73 16.93 -7.35 7.73
N VAL A 74 17.07 -8.46 8.40
CA VAL A 74 17.74 -8.55 9.67
C VAL A 74 18.99 -9.43 9.42
N LYS A 75 20.15 -8.94 9.86
CA LYS A 75 21.44 -9.56 9.61
C LYS A 75 22.12 -10.01 10.92
N ASP A 76 22.94 -11.07 10.84
CA ASP A 76 24.00 -11.41 11.85
C ASP A 76 25.19 -12.18 11.27
N TYR A 77 25.77 -11.62 10.21
CA TYR A 77 27.23 -11.65 10.03
C TYR A 77 27.44 -10.18 10.20
N GLY A 78 28.67 -9.72 9.98
CA GLY A 78 29.00 -8.31 9.91
C GLY A 78 28.43 -7.53 11.06
N GLU A 79 27.83 -6.38 10.71
CA GLU A 79 27.45 -5.32 11.66
C GLU A 79 26.02 -5.45 12.13
N LEU A 80 25.51 -6.66 12.08
CA LEU A 80 24.12 -6.91 12.46
C LEU A 80 23.09 -5.73 12.25
N GLU A 81 22.86 -5.35 10.97
CA GLU A 81 21.75 -4.44 10.63
C GLU A 81 20.34 -4.95 11.06
N ASN A 82 19.68 -4.10 11.85
CA ASN A 82 18.36 -4.25 12.23
C ASN A 82 18.13 -5.37 13.23
N LYS A 83 19.23 -5.96 13.76
CA LYS A 83 19.16 -6.73 15.04
C LYS A 83 18.37 -5.99 16.16
N ALA A 84 18.81 -4.79 16.55
CA ALA A 84 18.09 -3.94 17.52
C ALA A 84 16.56 -3.90 17.25
N LEU A 85 16.16 -3.35 16.08
CA LEU A 85 14.79 -3.37 15.56
C LEU A 85 14.07 -4.68 15.69
N GLY A 86 14.72 -5.79 15.28
CA GLY A 86 14.21 -7.18 15.56
C GLY A 86 13.82 -7.62 16.99
N ASP A 87 14.77 -7.60 17.90
CA ASP A 87 14.51 -7.56 19.31
C ASP A 87 13.46 -6.58 19.80
N ARG A 88 13.27 -5.38 19.19
CA ARG A 88 12.33 -4.34 19.72
C ARG A 88 10.98 -5.06 19.61
N TYR A 89 10.88 -5.98 18.65
CA TYR A 89 9.63 -6.75 18.39
C TYR A 89 9.70 -8.24 18.70
N LYS A 90 10.69 -8.66 19.45
CA LYS A 90 10.74 -9.99 20.01
C LYS A 90 10.72 -10.98 18.86
N VAL A 91 11.34 -10.63 17.72
CA VAL A 91 11.20 -11.49 16.51
C VAL A 91 12.19 -12.59 16.59
N ASP A 92 11.72 -13.80 16.28
CA ASP A 92 12.49 -15.03 16.32
C ASP A 92 13.33 -15.12 15.03
N ASP A 93 14.60 -14.74 15.18
CA ASP A 93 15.69 -14.87 14.22
C ASP A 93 15.79 -16.33 13.77
N LYS A 94 15.56 -17.22 14.70
CA LYS A 94 15.56 -18.64 14.36
C LYS A 94 14.18 -19.16 13.95
N ASN A 95 13.52 -18.51 12.98
CA ASN A 95 12.09 -18.70 12.63
C ASN A 95 11.45 -17.49 11.85
N PHE A 96 12.19 -16.93 10.90
CA PHE A 96 11.69 -15.92 9.98
C PHE A 96 10.71 -16.59 9.00
N PRO A 97 9.85 -15.84 8.26
CA PRO A 97 9.53 -14.40 8.23
C PRO A 97 8.68 -14.10 9.45
N SER A 98 8.75 -12.93 10.05
CA SER A 98 7.74 -12.56 11.04
C SER A 98 6.94 -11.44 10.43
N ILE A 99 5.63 -11.58 10.51
CA ILE A 99 4.75 -10.60 9.88
C ILE A 99 3.87 -9.85 10.92
N PHE A 100 3.90 -8.50 10.91
CA PHE A 100 3.26 -7.59 11.87
C PHE A 100 2.33 -6.62 11.21
N LEU A 101 1.24 -6.27 11.87
CA LEU A 101 0.35 -5.24 11.36
C LEU A 101 0.33 -4.09 12.35
N PHE A 102 0.42 -2.88 11.82
CA PHE A 102 0.30 -1.66 12.64
C PHE A 102 -0.81 -0.82 12.19
N LYS A 103 -1.29 -0.04 13.16
CA LYS A 103 -2.30 0.94 12.93
C LYS A 103 -1.81 2.33 13.24
N GLY A 104 -0.67 2.76 12.67
CA GLY A 104 -0.29 4.13 12.86
C GLY A 104 0.45 4.37 14.16
N ASN A 105 0.65 3.30 14.94
CA ASN A 105 1.45 3.33 16.25
C ASN A 105 2.56 2.21 16.37
N ALA A 106 3.84 2.58 16.34
CA ALA A 106 4.86 1.54 16.12
C ALA A 106 5.01 0.77 17.44
N ASP A 107 4.40 1.36 18.51
CA ASP A 107 4.35 0.70 19.76
C ASP A 107 3.15 -0.25 19.92
N GLU A 108 2.22 -0.36 19.01
CA GLU A 108 1.19 -1.29 19.30
C GLU A 108 0.99 -2.08 18.04
N TYR A 109 1.18 -3.40 18.10
CA TYR A 109 1.15 -4.22 16.84
C TYR A 109 0.36 -5.51 17.11
N VAL A 110 -0.06 -6.11 15.99
CA VAL A 110 -0.70 -7.47 15.95
C VAL A 110 0.24 -8.35 15.11
N GLN A 111 0.47 -9.59 15.51
CA GLN A 111 1.45 -10.46 14.84
C GLN A 111 0.69 -11.54 14.13
N LEU A 112 1.02 -11.83 12.87
CA LEU A 112 0.42 -13.04 12.22
C LEU A 112 0.89 -14.28 13.05
N PRO A 113 -0.05 -15.07 13.63
CA PRO A 113 0.55 -16.10 14.45
C PRO A 113 1.52 -16.95 13.61
N SER A 114 2.56 -17.46 14.25
CA SER A 114 3.60 -18.16 13.52
C SER A 114 3.17 -19.54 12.93
N HIS A 115 2.08 -20.10 13.44
CA HIS A 115 1.50 -21.33 12.89
C HIS A 115 0.62 -21.14 11.61
N VAL A 116 0.35 -19.90 11.23
CA VAL A 116 -0.40 -19.60 9.99
C VAL A 116 0.52 -19.71 8.77
N ASP A 117 0.16 -20.54 7.80
CA ASP A 117 0.86 -20.48 6.53
C ASP A 117 0.78 -19.12 5.84
N VAL A 118 1.91 -18.79 5.21
CA VAL A 118 2.18 -17.49 4.50
C VAL A 118 1.85 -17.58 2.99
N THR A 119 0.56 -17.32 2.74
CA THR A 119 -0.07 -17.44 1.46
C THR A 119 -0.70 -16.09 1.21
N LEU A 120 -0.91 -15.73 -0.07
CA LEU A 120 -1.77 -14.63 -0.52
C LEU A 120 -3.01 -14.44 0.32
N ASP A 121 -3.74 -15.54 0.42
CA ASP A 121 -5.01 -15.51 0.98
C ASP A 121 -5.06 -15.36 2.52
N ASN A 122 -4.14 -16.01 3.21
CA ASN A 122 -4.02 -15.67 4.62
C ASN A 122 -3.50 -14.26 4.84
N LEU A 123 -2.70 -13.73 3.94
CA LEU A 123 -2.21 -12.36 4.19
C LEU A 123 -3.41 -11.34 4.15
N LYS A 124 -4.21 -11.42 3.07
CA LYS A 124 -5.51 -10.74 2.92
C LYS A 124 -6.50 -10.89 4.08
N ALA A 125 -6.75 -12.13 4.55
CA ALA A 125 -7.46 -12.40 5.79
C ALA A 125 -6.87 -11.82 7.10
N PHE A 126 -5.57 -11.78 7.25
CA PHE A 126 -4.88 -11.09 8.35
C PHE A 126 -5.23 -9.56 8.43
N VAL A 127 -5.13 -8.88 7.28
CA VAL A 127 -5.64 -7.53 7.07
C VAL A 127 -7.12 -7.30 7.24
N SER A 128 -7.98 -8.11 6.58
CA SER A 128 -9.41 -7.93 6.78
C SER A 128 -9.84 -8.16 8.22
N ALA A 129 -9.22 -9.11 8.89
CA ALA A 129 -9.70 -9.42 10.22
C ALA A 129 -9.38 -8.32 11.26
N ASN A 130 -8.39 -7.45 10.97
CA ASN A 130 -7.71 -6.60 12.02
C ASN A 130 -7.76 -5.12 11.75
N THR A 131 -8.42 -4.71 10.66
CA THR A 131 -8.48 -3.32 10.17
C THR A 131 -9.85 -3.11 9.57
N PRO A 132 -10.20 -1.83 9.27
CA PRO A 132 -11.32 -1.50 8.33
C PRO A 132 -11.13 -1.83 6.79
N LEU A 133 -9.96 -2.27 6.40
CA LEU A 133 -9.49 -2.30 5.02
C LEU A 133 -9.93 -3.54 4.39
N TYR A 134 -9.91 -3.59 3.07
CA TYR A 134 -10.28 -4.87 2.38
C TYR A 134 -9.63 -5.10 1.02
N ILE A 135 -9.06 -6.29 0.91
CA ILE A 135 -8.28 -6.70 -0.25
C ILE A 135 -9.05 -7.87 -0.80
N GLY A 136 -9.87 -7.61 -1.77
CA GLY A 136 -10.56 -8.72 -2.41
C GLY A 136 -11.01 -8.28 -3.79
N ARG A 137 -12.24 -8.64 -4.13
CA ARG A 137 -12.72 -8.36 -5.49
C ARG A 137 -13.17 -6.87 -5.68
N ASP A 138 -12.59 -6.24 -6.71
CA ASP A 138 -12.99 -4.89 -7.17
C ASP A 138 -14.54 -4.73 -7.11
N GLY A 139 -15.01 -3.57 -6.59
CA GLY A 139 -16.42 -3.27 -6.44
C GLY A 139 -17.02 -3.60 -5.08
N CYS A 140 -16.50 -4.59 -4.38
CA CYS A 140 -16.96 -4.91 -3.01
C CYS A 140 -16.72 -3.85 -1.93
N ILE A 141 -17.49 -3.90 -0.85
CA ILE A 141 -17.45 -2.94 0.22
C ILE A 141 -17.77 -3.80 1.39
N LYS A 142 -16.73 -3.92 2.22
CA LYS A 142 -16.65 -4.75 3.41
C LYS A 142 -17.74 -4.60 4.48
N GLU A 143 -18.07 -3.37 4.86
CA GLU A 143 -19.13 -3.10 5.81
C GLU A 143 -20.48 -3.55 5.20
N PHE A 144 -20.58 -3.57 3.88
CA PHE A 144 -21.78 -4.07 3.16
C PHE A 144 -21.83 -5.62 3.11
N ASN A 145 -20.73 -6.28 2.71
CA ASN A 145 -20.60 -7.72 2.91
C ASN A 145 -20.86 -8.20 4.35
N GLU A 146 -20.37 -7.47 5.35
CA GLU A 146 -20.65 -7.92 6.71
C GLU A 146 -22.16 -8.15 7.08
N VAL A 147 -23.04 -7.18 6.73
CA VAL A 147 -24.55 -7.29 6.90
C VAL A 147 -25.33 -8.20 5.88
N LEU A 148 -24.66 -8.63 4.82
CA LEU A 148 -25.32 -9.25 3.64
C LEU A 148 -25.28 -10.79 3.47
N LYS A 149 -24.52 -11.45 4.34
CA LYS A 149 -24.51 -12.94 4.36
C LYS A 149 -25.99 -13.54 4.51
N ASN A 150 -26.33 -14.55 3.69
CA ASN A 150 -27.75 -14.97 3.48
C ASN A 150 -28.82 -13.84 3.33
N TYR A 151 -28.53 -12.81 2.56
CA TYR A 151 -29.56 -11.78 2.35
C TYR A 151 -30.88 -12.42 1.81
N ALA A 152 -30.69 -13.32 0.85
CA ALA A 152 -31.71 -13.93 0.05
C ALA A 152 -32.72 -14.67 0.86
N ASN A 153 -32.34 -15.08 2.06
CA ASN A 153 -33.10 -16.00 2.89
C ASN A 153 -33.63 -15.32 4.13
N ILE A 154 -33.38 -14.04 4.34
CA ILE A 154 -33.83 -13.40 5.60
C ILE A 154 -35.29 -12.87 5.54
N PRO A 155 -35.96 -12.66 6.70
CA PRO A 155 -37.36 -12.25 6.49
C PRO A 155 -37.48 -10.93 5.70
N ASP A 156 -38.58 -10.76 4.96
CA ASP A 156 -38.98 -9.47 4.32
C ASP A 156 -38.70 -8.20 5.14
N ALA A 157 -39.09 -8.22 6.44
CA ALA A 157 -38.95 -7.06 7.36
C ALA A 157 -37.50 -6.76 7.74
N GLU A 158 -36.71 -7.83 7.91
CA GLU A 158 -35.27 -7.75 8.18
C GLU A 158 -34.62 -7.25 6.89
N GLN A 159 -35.06 -7.75 5.72
CA GLN A 159 -34.46 -7.35 4.45
C GLN A 159 -34.52 -5.84 4.18
N LEU A 160 -35.65 -5.24 4.58
CA LEU A 160 -36.03 -3.83 4.40
C LEU A 160 -35.36 -2.92 5.39
N LYS A 161 -35.18 -3.41 6.62
CA LYS A 161 -34.39 -2.77 7.67
C LYS A 161 -32.89 -2.67 7.25
N LEU A 162 -32.38 -3.68 6.54
CA LEU A 162 -31.05 -3.61 5.93
C LEU A 162 -30.95 -2.63 4.77
N ILE A 163 -32.02 -2.53 3.97
CA ILE A 163 -32.16 -1.48 3.00
C ILE A 163 -32.07 -0.08 3.72
N GLU A 164 -32.91 0.21 4.75
CA GLU A 164 -32.80 1.45 5.54
C GLU A 164 -31.27 1.69 5.85
N LYS A 165 -30.67 0.70 6.55
CA LYS A 165 -29.27 0.70 7.02
C LYS A 165 -28.22 1.00 5.92
N LEU A 166 -28.28 0.26 4.81
CA LEU A 166 -27.25 0.43 3.80
C LEU A 166 -27.45 1.68 2.97
N GLN A 167 -28.70 2.14 2.95
CA GLN A 167 -29.08 3.44 2.40
C GLN A 167 -28.42 4.49 3.34
N ALA A 168 -28.58 4.41 4.68
CA ALA A 168 -27.75 5.27 5.55
C ALA A 168 -26.28 5.32 5.10
N LYS A 169 -25.69 4.17 4.82
CA LYS A 169 -24.24 4.13 4.60
C LYS A 169 -23.89 4.70 3.24
N GLN A 170 -24.81 4.50 2.30
CA GLN A 170 -24.60 5.03 0.97
C GLN A 170 -24.50 6.54 0.95
N GLU A 171 -25.37 7.20 1.72
CA GLU A 171 -25.48 8.64 1.76
C GLU A 171 -24.14 9.33 2.16
N GLN A 172 -23.41 8.75 3.12
CA GLN A 172 -22.16 9.35 3.62
C GLN A 172 -20.82 8.91 2.88
N LEU A 173 -20.96 8.10 1.82
CA LEU A 173 -19.85 7.63 0.95
C LEU A 173 -19.08 8.68 0.07
N THR A 174 -17.75 8.68 0.18
CA THR A 174 -16.96 9.68 -0.55
C THR A 174 -16.49 9.46 -2.04
N ASP A 175 -16.00 8.26 -2.45
CA ASP A 175 -15.39 8.08 -3.83
C ASP A 175 -16.50 7.92 -4.88
N PRO A 176 -16.47 8.73 -5.95
CA PRO A 176 -17.30 8.52 -7.12
C PRO A 176 -17.59 7.08 -7.37
N GLU A 177 -16.53 6.32 -7.78
CA GLU A 177 -16.56 4.81 -7.83
C GLU A 177 -17.36 4.12 -6.71
N GLN A 178 -16.93 4.27 -5.46
CA GLN A 178 -17.57 3.73 -4.27
C GLN A 178 -19.06 4.06 -4.11
N GLN A 179 -19.47 5.31 -4.40
CA GLN A 179 -20.93 5.72 -4.44
C GLN A 179 -21.64 4.76 -5.37
N GLN A 180 -21.02 4.55 -6.56
CA GLN A 180 -21.58 3.63 -7.59
C GLN A 180 -21.62 2.13 -7.28
N ASN A 181 -20.56 1.55 -6.71
CA ASN A 181 -20.62 0.24 -6.03
C ASN A 181 -21.78 0.08 -5.11
N ALA A 182 -22.12 1.15 -4.41
CA ALA A 182 -23.13 1.09 -3.34
C ALA A 182 -24.57 1.13 -3.98
N ARG A 183 -24.71 1.86 -5.09
CA ARG A 183 -25.99 1.93 -5.80
C ARG A 183 -26.29 0.54 -6.33
N ALA A 184 -25.29 -0.19 -6.84
CA ALA A 184 -25.48 -1.63 -7.27
C ALA A 184 -25.90 -2.55 -6.13
N TYR A 185 -25.22 -2.52 -4.99
CA TYR A 185 -25.66 -3.25 -3.82
C TYR A 185 -27.12 -3.04 -3.54
N LEU A 186 -27.54 -1.78 -3.36
CA LEU A 186 -28.95 -1.50 -3.05
C LEU A 186 -29.90 -1.91 -4.20
N ILE A 187 -29.54 -1.66 -5.47
CA ILE A 187 -30.43 -2.07 -6.60
C ILE A 187 -30.67 -3.58 -6.39
N TYR A 188 -29.61 -4.34 -6.03
CA TYR A 188 -29.74 -5.83 -5.91
C TYR A 188 -30.47 -6.27 -4.68
N MET A 189 -30.27 -5.54 -3.60
CA MET A 189 -30.97 -5.83 -2.39
C MET A 189 -32.48 -5.61 -2.62
N ARG A 190 -32.86 -4.56 -3.39
CA ARG A 190 -34.28 -4.18 -3.62
C ARG A 190 -34.98 -5.11 -4.58
N LYS A 191 -34.24 -5.59 -5.59
CA LYS A 191 -34.75 -6.53 -6.57
C LYS A 191 -34.97 -7.94 -5.99
N ILE A 192 -34.06 -8.41 -5.13
CA ILE A 192 -34.18 -9.71 -4.48
C ILE A 192 -35.30 -9.65 -3.47
N HIS A 193 -35.43 -8.51 -2.83
CA HIS A 193 -36.54 -8.33 -1.97
C HIS A 193 -37.89 -8.38 -2.76
N GLU A 194 -38.03 -7.59 -3.87
CA GLU A 194 -39.19 -7.55 -4.79
C GLU A 194 -39.47 -8.91 -5.50
N VAL A 195 -38.49 -9.43 -6.26
CA VAL A 195 -38.66 -10.63 -7.15
C VAL A 195 -38.15 -11.99 -6.58
N GLY A 196 -37.32 -11.90 -5.53
CA GLY A 196 -36.74 -13.10 -4.96
C GLY A 196 -35.48 -13.51 -5.70
N TYR A 197 -34.99 -14.69 -5.34
CA TYR A 197 -33.72 -15.24 -5.79
C TYR A 197 -33.55 -15.43 -7.31
N ASP A 198 -34.62 -15.67 -8.08
CA ASP A 198 -34.49 -15.64 -9.57
C ASP A 198 -33.77 -14.37 -10.17
N PHE A 199 -33.81 -13.23 -9.50
CA PHE A 199 -33.12 -12.09 -10.03
C PHE A 199 -31.55 -12.27 -10.26
N LEU A 200 -30.92 -13.18 -9.52
CA LEU A 200 -29.52 -13.48 -9.67
C LEU A 200 -29.22 -14.14 -10.99
N GLU A 201 -29.85 -15.25 -11.26
CA GLU A 201 -29.69 -15.90 -12.54
C GLU A 201 -29.93 -14.93 -13.68
N GLU A 202 -31.00 -14.10 -13.57
CA GLU A 202 -31.33 -13.06 -14.55
C GLU A 202 -30.30 -11.94 -14.78
N GLU A 203 -29.91 -11.25 -13.70
CA GLU A 203 -28.89 -10.22 -13.73
C GLU A 203 -27.57 -10.73 -14.23
N THR A 204 -27.15 -11.88 -13.75
CA THR A 204 -25.89 -12.55 -14.17
C THR A 204 -25.87 -12.80 -15.66
N LYS A 205 -26.89 -13.42 -16.19
CA LYS A 205 -27.06 -13.53 -17.63
C LYS A 205 -26.97 -12.19 -18.44
N ARG A 206 -27.71 -11.14 -18.04
CA ARG A 206 -27.59 -9.78 -18.65
C ARG A 206 -26.14 -9.11 -18.64
N LEU A 207 -25.47 -9.13 -17.48
CA LEU A 207 -24.15 -8.56 -17.32
C LEU A 207 -23.12 -9.33 -18.18
N LEU A 208 -23.23 -10.66 -18.25
CA LEU A 208 -22.23 -11.43 -19.00
C LEU A 208 -22.40 -11.19 -20.51
N ARG A 209 -23.61 -10.90 -20.92
CA ARG A 209 -23.95 -10.65 -22.27
C ARG A 209 -23.48 -9.28 -22.67
N LEU A 210 -23.74 -8.31 -21.78
CA LEU A 210 -23.05 -7.00 -21.81
C LEU A 210 -21.52 -7.07 -22.02
N LYS A 211 -20.87 -7.92 -21.23
CA LYS A 211 -19.41 -8.15 -21.18
C LYS A 211 -18.91 -8.95 -22.40
N ALA A 212 -19.75 -9.78 -22.99
CA ALA A 212 -19.50 -10.46 -24.26
C ALA A 212 -19.65 -9.49 -25.50
N GLY A 213 -20.05 -8.23 -25.26
CA GLY A 213 -20.20 -7.24 -26.34
C GLY A 213 -18.95 -6.47 -26.65
N LYS A 214 -19.04 -5.53 -27.59
CA LYS A 214 -18.05 -4.44 -27.78
C LYS A 214 -18.16 -3.44 -26.58
N VAL A 215 -17.09 -3.40 -25.79
CA VAL A 215 -16.97 -2.54 -24.61
C VAL A 215 -15.55 -1.99 -24.49
N THR A 216 -15.44 -0.91 -23.75
CA THR A 216 -14.14 -0.30 -23.48
C THR A 216 -13.68 -0.96 -22.21
N GLU A 217 -12.38 -1.07 -22.05
CA GLU A 217 -11.76 -1.54 -20.80
C GLU A 217 -12.43 -0.96 -19.60
N ALA A 218 -12.79 0.32 -19.61
CA ALA A 218 -13.45 0.89 -18.42
C ALA A 218 -14.83 0.34 -18.12
N LYS A 219 -15.57 0.05 -19.22
CA LYS A 219 -16.92 -0.53 -19.19
C LYS A 219 -16.81 -1.97 -18.74
N LYS A 220 -15.83 -2.72 -19.26
CA LYS A 220 -15.43 -4.03 -18.77
C LYS A 220 -15.21 -4.05 -17.26
N GLU A 221 -14.41 -3.14 -16.77
CA GLU A 221 -14.09 -3.18 -15.41
C GLU A 221 -15.30 -2.85 -14.56
N GLU A 222 -16.24 -2.07 -15.07
CA GLU A 222 -17.45 -1.67 -14.36
C GLU A 222 -18.41 -2.88 -14.34
N LEU A 223 -18.45 -3.61 -15.45
CA LEU A 223 -19.16 -4.93 -15.53
C LEU A 223 -18.64 -6.06 -14.61
N LEU A 224 -17.32 -6.31 -14.53
CA LEU A 224 -16.73 -7.05 -13.38
C LEU A 224 -17.09 -6.51 -11.99
N ARG A 225 -16.98 -5.25 -11.67
CA ARG A 225 -17.52 -4.85 -10.34
C ARG A 225 -18.95 -5.19 -10.04
N LYS A 226 -19.85 -5.11 -11.01
CA LYS A 226 -21.23 -5.54 -10.85
C LYS A 226 -21.39 -6.99 -10.69
N LEU A 227 -20.71 -7.78 -11.47
CA LEU A 227 -20.70 -9.21 -11.26
C LEU A 227 -20.08 -9.54 -9.97
N ASN A 228 -19.03 -8.82 -9.55
CA ASN A 228 -18.45 -9.10 -8.24
C ASN A 228 -19.46 -8.84 -7.14
N ILE A 229 -20.21 -7.76 -7.23
CA ILE A 229 -21.13 -7.38 -6.16
C ILE A 229 -22.27 -8.35 -6.14
N LEU A 230 -22.77 -8.71 -7.33
CA LEU A 230 -23.90 -9.66 -7.48
C LEU A 230 -23.54 -11.03 -6.88
N GLU A 231 -22.33 -11.48 -7.15
CA GLU A 231 -21.77 -12.64 -6.47
C GLU A 231 -22.00 -12.66 -4.90
N VAL A 232 -22.04 -11.50 -4.22
CA VAL A 232 -22.14 -11.45 -2.73
C VAL A 232 -23.52 -12.01 -2.32
N PHE A 233 -24.47 -12.05 -3.25
CA PHE A 233 -25.89 -12.38 -2.89
C PHE A 233 -26.29 -13.84 -3.06
N ARG A 234 -25.40 -14.56 -3.74
CA ARG A 234 -25.49 -15.99 -3.90
C ARG A 234 -25.61 -16.68 -2.53
N VAL A 235 -26.48 -17.71 -2.45
CA VAL A 235 -26.64 -18.59 -1.30
C VAL A 235 -26.48 -20.07 -1.76
N HIS A 236 -25.91 -20.90 -0.86
CA HIS A 236 -25.67 -22.32 -1.14
C HIS A 236 -27.02 -22.96 -1.36
N LYS A 237 -27.94 -22.67 -0.42
CA LYS A 237 -29.32 -23.18 -0.51
C LYS A 237 -30.41 -22.07 -0.36
N VAL A 238 -31.30 -22.04 -1.44
CA VAL A 238 -32.52 -21.20 -1.28
C VAL A 238 -33.48 -21.73 -0.13
N THR A 239 -33.70 -20.90 0.91
CA THR A 239 -34.48 -21.30 2.10
C THR A 239 -35.77 -20.50 2.34
N LYS A 240 -35.98 -19.44 1.56
CA LYS A 240 -37.22 -18.70 1.52
C LYS A 240 -37.96 -19.20 0.27
N THR A 241 -39.26 -19.54 0.41
CA THR A 241 -40.20 -19.54 -0.75
C THR A 241 -41.44 -18.77 -0.42
N ALA A 242 -42.19 -18.44 -1.46
CA ALA A 242 -43.56 -17.93 -1.30
C ALA A 242 -44.52 -18.71 -2.17
N PRO A 243 -45.63 -19.17 -1.55
CA PRO A 243 -47.02 -19.16 -2.10
C PRO A 243 -47.53 -19.78 -3.43
N GLU A 244 -48.83 -19.56 -3.70
CA GLU A 244 -49.57 -20.07 -4.85
C GLU A 244 -50.86 -19.21 -5.01
N VAL B 13 17.91 0.57 3.54
CA VAL B 13 18.83 -0.29 2.66
C VAL B 13 19.88 0.21 1.58
N THR B 14 19.66 1.27 0.80
CA THR B 14 20.80 1.86 0.02
C THR B 14 21.71 2.80 0.84
N CYS B 15 21.20 3.44 1.90
CA CYS B 15 22.00 4.19 2.90
C CYS B 15 21.25 4.11 4.23
N THR B 16 21.83 4.44 5.36
CA THR B 16 21.05 4.37 6.60
C THR B 16 20.00 5.48 6.54
N GLY B 17 18.75 5.16 6.86
CA GLY B 17 17.74 6.16 7.07
C GLY B 17 17.01 6.51 5.81
N CYS B 18 17.49 6.00 4.66
CA CYS B 18 16.90 6.32 3.36
C CYS B 18 15.87 5.30 3.11
N VAL B 19 14.61 5.69 2.93
CA VAL B 19 13.68 4.63 2.51
C VAL B 19 13.73 4.38 0.98
N ASP B 20 13.68 3.13 0.57
CA ASP B 20 13.96 2.81 -0.86
C ASP B 20 12.62 2.50 -1.59
N LEU B 21 12.39 3.20 -2.71
CA LEU B 21 11.10 3.25 -3.32
C LEU B 21 11.19 2.64 -4.71
N ASP B 22 10.06 2.32 -5.29
CA ASP B 22 9.93 1.78 -6.61
C ASP B 22 8.57 2.26 -7.15
N GLU B 23 8.28 1.90 -8.40
CA GLU B 23 7.18 2.45 -9.15
C GLU B 23 5.85 2.24 -8.42
N LEU B 24 5.71 1.09 -7.80
CA LEU B 24 4.50 0.84 -7.06
C LEU B 24 4.32 1.73 -5.77
N SER B 25 5.37 2.05 -5.04
CA SER B 25 5.20 2.78 -3.76
C SER B 25 5.60 4.26 -3.78
N PHE B 26 6.29 4.68 -4.84
CA PHE B 26 6.88 5.98 -4.86
C PHE B 26 5.86 7.13 -4.49
N GLU B 27 4.80 7.26 -5.28
CA GLU B 27 3.87 8.32 -5.14
C GLU B 27 3.09 8.34 -3.80
N LYS B 28 2.49 7.18 -3.42
CA LYS B 28 1.82 6.94 -2.14
C LYS B 28 2.71 7.30 -0.86
N THR B 29 4.03 7.10 -1.00
CA THR B 29 4.91 7.28 0.14
C THR B 29 5.24 8.78 0.27
N VAL B 30 5.67 9.38 -0.83
CA VAL B 30 6.03 10.73 -0.91
C VAL B 30 4.90 11.64 -0.49
N GLU B 31 3.67 11.20 -0.74
CA GLU B 31 2.49 11.95 -0.45
C GLU B 31 2.06 11.72 0.98
N ARG B 32 2.60 10.71 1.64
CA ARG B 32 2.26 10.58 3.05
C ARG B 32 3.06 11.58 3.88
N PHE B 33 4.07 12.18 3.28
CA PHE B 33 4.97 13.09 4.06
C PHE B 33 4.91 14.58 3.72
N PRO B 34 5.06 15.48 4.73
CA PRO B 34 5.05 16.93 4.52
C PRO B 34 6.06 17.28 3.46
N TYR B 35 7.26 16.67 3.51
CA TYR B 35 8.37 16.97 2.58
C TYR B 35 9.16 15.71 2.43
N SER B 36 9.90 15.61 1.34
CA SER B 36 10.64 14.38 1.02
C SER B 36 11.80 14.90 0.20
N VAL B 37 13.00 14.37 0.39
CA VAL B 37 14.08 14.55 -0.54
C VAL B 37 14.34 13.15 -1.12
N VAL B 38 14.50 13.04 -2.48
CA VAL B 38 14.69 11.75 -3.13
C VAL B 38 15.90 11.82 -3.94
N LYS B 39 16.75 10.81 -3.88
CA LYS B 39 17.89 10.76 -4.80
C LYS B 39 17.69 9.62 -5.77
N PHE B 40 17.63 9.96 -7.07
CA PHE B 40 17.65 8.97 -8.13
C PHE B 40 19.10 8.62 -8.48
N ASP B 41 19.40 7.33 -8.60
CA ASP B 41 20.80 7.02 -8.92
C ASP B 41 20.79 5.62 -9.49
N ILE B 42 21.94 5.03 -9.78
CA ILE B 42 22.06 3.62 -10.20
C ILE B 42 21.54 2.72 -9.06
N ALA B 43 21.27 1.42 -9.30
CA ALA B 43 21.02 0.51 -8.13
C ALA B 43 22.44 0.43 -7.54
N TYR B 44 22.67 0.19 -6.33
CA TYR B 44 24.17 0.17 -5.89
C TYR B 44 25.12 1.36 -6.16
N PRO B 45 24.72 2.45 -5.67
CA PRO B 45 25.65 3.61 -5.86
C PRO B 45 26.96 3.64 -5.04
N LYS B 46 27.95 4.43 -5.48
CA LYS B 46 29.17 4.42 -4.67
C LYS B 46 29.94 5.73 -4.73
N GLY B 47 30.74 6.00 -3.70
CA GLY B 47 31.60 7.17 -3.83
C GLY B 47 31.10 8.33 -3.05
N GLU B 48 31.72 9.45 -3.35
CA GLU B 48 31.76 10.63 -2.53
C GLU B 48 30.41 11.31 -2.33
N LYS B 49 29.60 11.37 -3.39
CA LYS B 49 28.28 11.97 -3.45
C LYS B 49 27.30 11.05 -2.78
N HIS B 50 27.49 9.75 -2.97
CA HIS B 50 26.62 8.78 -2.30
C HIS B 50 26.81 8.95 -0.78
N GLU B 51 28.10 9.08 -0.41
CA GLU B 51 28.53 9.17 0.99
C GLU B 51 28.00 10.44 1.67
N ALA B 52 27.94 11.55 0.93
CA ALA B 52 27.34 12.82 1.35
C ALA B 52 25.80 12.75 1.57
N PHE B 53 25.11 11.99 0.76
CA PHE B 53 23.68 11.83 0.97
C PHE B 53 23.38 10.90 2.20
N THR B 54 24.26 9.92 2.38
CA THR B 54 24.27 9.11 3.63
C THR B 54 24.46 9.94 4.97
N ALA B 55 25.44 10.85 4.99
CA ALA B 55 25.59 11.78 6.10
C ALA B 55 24.44 12.72 6.21
N PHE B 56 23.96 13.13 5.05
CA PHE B 56 22.77 13.98 5.02
C PHE B 56 21.54 13.27 5.66
N SER B 57 21.20 12.10 5.13
CA SER B 57 20.11 11.25 5.66
C SER B 57 20.16 11.16 7.20
N LYS B 58 21.35 10.84 7.77
CA LYS B 58 21.49 10.64 9.22
C LYS B 58 21.37 11.89 10.02
N SER B 59 21.76 12.98 9.40
CA SER B 59 21.74 14.28 10.03
C SER B 59 20.35 15.02 9.93
N ALA B 60 19.56 14.77 8.86
CA ALA B 60 18.09 15.03 8.73
C ALA B 60 17.29 14.24 9.73
N HIS B 61 17.62 12.97 9.89
CA HIS B 61 16.95 12.19 10.94
C HIS B 61 17.17 12.70 12.31
N LYS B 62 18.38 13.15 12.59
CA LYS B 62 18.66 13.70 13.93
C LYS B 62 17.87 15.05 14.22
N ALA B 63 17.64 15.85 13.17
CA ALA B 63 17.03 17.19 13.23
C ALA B 63 15.50 17.17 13.16
N THR B 64 14.93 16.26 12.39
CA THR B 64 13.49 16.39 12.02
C THR B 64 12.53 15.18 12.14
N LYS B 65 11.29 15.44 12.56
CA LYS B 65 10.21 14.37 12.48
C LYS B 65 9.58 14.21 11.04
N ASP B 66 9.57 15.31 10.26
CA ASP B 66 8.65 15.59 9.14
C ASP B 66 9.23 15.49 7.76
N LEU B 67 10.45 14.98 7.64
CA LEU B 67 10.95 14.82 6.27
C LEU B 67 11.27 13.36 5.93
N LEU B 68 11.04 12.96 4.66
CA LEU B 68 11.37 11.65 4.24
C LEU B 68 12.64 11.76 3.44
N ILE B 69 13.53 10.83 3.69
CA ILE B 69 14.80 10.71 2.91
C ILE B 69 14.59 9.43 2.12
N ALA B 70 14.53 9.53 0.81
CA ALA B 70 14.23 8.35 0.10
C ALA B 70 15.20 8.24 -1.04
N THR B 71 15.27 7.03 -1.62
CA THR B 71 16.24 6.70 -2.73
C THR B 71 15.46 5.90 -3.78
N VAL B 72 15.83 5.96 -5.04
CA VAL B 72 15.13 5.14 -6.11
C VAL B 72 16.38 4.80 -6.90
N GLY B 73 16.63 3.51 -7.13
CA GLY B 73 17.72 3.01 -7.91
C GLY B 73 17.11 2.58 -9.18
N VAL B 74 17.66 3.08 -10.26
CA VAL B 74 17.12 2.83 -11.59
C VAL B 74 18.09 1.99 -12.28
N LYS B 75 17.65 0.82 -12.80
CA LYS B 75 18.46 -0.13 -13.64
C LYS B 75 18.26 0.02 -15.18
N ASP B 76 19.38 -0.07 -15.93
CA ASP B 76 19.53 0.02 -17.44
C ASP B 76 19.76 -1.34 -18.20
N TYR B 77 19.03 -2.36 -17.78
CA TYR B 77 19.45 -3.76 -17.88
C TYR B 77 18.38 -4.59 -17.20
N GLY B 78 18.08 -5.74 -17.77
CA GLY B 78 17.12 -6.68 -17.20
C GLY B 78 15.71 -6.34 -17.62
N GLU B 79 14.82 -6.20 -16.64
CA GLU B 79 13.46 -5.69 -16.94
C GLU B 79 13.36 -4.25 -16.44
N LEU B 80 14.44 -3.52 -16.66
CA LEU B 80 14.44 -2.10 -16.53
C LEU B 80 13.89 -1.50 -15.20
N GLU B 81 14.21 -2.08 -14.01
CA GLU B 81 13.71 -1.59 -12.66
C GLU B 81 13.70 -0.05 -12.49
N ASN B 82 12.52 0.56 -12.37
CA ASN B 82 12.42 2.01 -12.20
C ASN B 82 12.88 2.96 -13.38
N LYS B 83 12.98 2.49 -14.63
CA LYS B 83 13.21 3.43 -15.76
C LYS B 83 12.04 4.37 -15.93
N ALA B 84 10.86 3.83 -16.12
CA ALA B 84 9.65 4.63 -16.23
C ALA B 84 9.39 5.67 -15.09
N LEU B 85 9.86 5.41 -13.86
CA LEU B 85 9.75 6.40 -12.80
C LEU B 85 10.79 7.53 -13.01
N GLY B 86 12.04 7.16 -13.24
CA GLY B 86 13.04 8.12 -13.70
C GLY B 86 12.56 8.91 -14.91
N ASP B 87 12.15 8.26 -16.00
CA ASP B 87 11.46 8.96 -17.11
C ASP B 87 10.42 10.01 -16.65
N ARG B 88 9.59 9.63 -15.68
CA ARG B 88 8.59 10.59 -15.17
C ARG B 88 9.24 11.97 -14.76
N TYR B 89 10.40 11.96 -14.09
CA TYR B 89 11.02 13.16 -13.54
C TYR B 89 12.17 13.62 -14.43
N LYS B 90 12.13 13.10 -15.66
CA LYS B 90 13.08 13.42 -16.71
C LYS B 90 14.51 13.34 -16.21
N VAL B 91 14.87 12.26 -15.48
CA VAL B 91 16.20 12.15 -14.86
C VAL B 91 17.24 11.66 -15.89
N ASP B 92 18.33 12.44 -16.00
CA ASP B 92 19.46 12.17 -16.89
C ASP B 92 20.36 11.16 -16.21
N ASP B 93 20.38 9.92 -16.71
CA ASP B 93 21.14 8.87 -16.07
C ASP B 93 22.50 8.84 -16.70
N LYS B 94 22.66 9.58 -17.79
CA LYS B 94 23.98 9.80 -18.39
C LYS B 94 24.73 10.80 -17.48
N ASN B 95 24.12 11.14 -16.32
CA ASN B 95 24.67 11.96 -15.22
C ASN B 95 23.81 11.99 -13.90
N PHE B 96 24.06 10.99 -13.05
CA PHE B 96 23.29 10.70 -11.79
C PHE B 96 24.21 11.11 -10.64
N PRO B 97 23.72 11.31 -9.41
CA PRO B 97 22.35 11.12 -8.93
C PRO B 97 21.57 12.36 -9.24
N SER B 98 20.21 12.32 -9.22
CA SER B 98 19.36 13.53 -9.35
C SER B 98 18.58 13.59 -8.10
N ILE B 99 18.40 14.81 -7.58
CA ILE B 99 17.95 14.90 -6.24
C ILE B 99 16.79 15.81 -6.26
N PHE B 100 15.63 15.38 -5.74
CA PHE B 100 14.41 16.12 -5.86
C PHE B 100 13.88 16.46 -4.50
N LEU B 101 13.28 17.62 -4.35
CA LEU B 101 12.45 17.85 -3.21
C LEU B 101 10.96 18.00 -3.57
N PHE B 102 10.13 17.30 -2.79
CA PHE B 102 8.62 17.38 -2.81
C PHE B 102 8.06 17.97 -1.58
N LYS B 103 7.03 18.75 -1.82
CA LYS B 103 6.17 19.26 -0.76
C LYS B 103 4.81 18.51 -0.62
N GLY B 104 4.77 17.19 -0.78
CA GLY B 104 3.53 16.43 -0.43
C GLY B 104 2.73 15.99 -1.64
N ASN B 105 3.26 16.31 -2.81
CA ASN B 105 2.59 16.11 -4.09
C ASN B 105 3.56 15.57 -5.12
N ALA B 106 3.39 14.34 -5.56
CA ALA B 106 4.40 13.76 -6.39
C ALA B 106 4.53 14.46 -7.77
N ASP B 107 3.53 15.28 -8.17
CA ASP B 107 3.49 16.10 -9.43
C ASP B 107 4.28 17.45 -9.33
N GLU B 108 4.64 17.86 -8.13
CA GLU B 108 5.19 19.18 -7.81
C GLU B 108 6.50 19.07 -6.96
N TYR B 109 7.63 19.47 -7.58
CA TYR B 109 8.98 19.17 -7.06
C TYR B 109 9.99 20.27 -7.41
N VAL B 110 11.06 20.43 -6.62
CA VAL B 110 12.17 21.24 -7.05
C VAL B 110 13.39 20.27 -7.19
N GLN B 111 14.00 20.20 -8.36
CA GLN B 111 15.20 19.46 -8.53
C GLN B 111 16.39 20.32 -8.10
N LEU B 112 17.40 19.71 -7.46
CA LEU B 112 18.64 20.39 -7.13
C LEU B 112 19.43 20.69 -8.45
N PRO B 113 19.77 22.01 -8.75
CA PRO B 113 20.39 22.29 -10.04
C PRO B 113 21.55 21.32 -10.37
N SER B 114 21.71 20.99 -11.66
CA SER B 114 22.72 20.00 -12.04
C SER B 114 24.15 20.53 -11.64
N HIS B 115 24.34 21.85 -11.62
CA HIS B 115 25.69 22.44 -11.42
C HIS B 115 26.11 22.46 -9.93
N VAL B 116 25.17 22.08 -9.03
CA VAL B 116 25.39 22.26 -7.60
C VAL B 116 26.02 21.00 -7.04
N ASP B 117 27.14 21.11 -6.31
CA ASP B 117 27.88 19.94 -5.77
C ASP B 117 27.06 19.29 -4.69
N VAL B 118 27.03 17.98 -4.77
CA VAL B 118 26.21 17.16 -3.93
C VAL B 118 27.02 16.87 -2.65
N THR B 119 26.85 17.75 -1.66
CA THR B 119 27.67 17.79 -0.46
C THR B 119 26.69 17.86 0.70
N LEU B 120 27.18 17.61 1.90
CA LEU B 120 26.34 17.59 3.09
C LEU B 120 25.74 18.98 3.34
N ASP B 121 26.59 19.99 3.29
CA ASP B 121 26.13 21.36 3.38
C ASP B 121 25.27 21.98 2.25
N ASN B 122 25.46 21.58 1.00
CA ASN B 122 24.54 21.95 -0.10
C ASN B 122 23.20 21.22 0.05
N LEU B 123 23.24 20.03 0.60
CA LEU B 123 22.00 19.24 0.81
C LEU B 123 21.15 19.88 1.93
N LYS B 124 21.68 20.15 3.09
CA LYS B 124 20.96 20.99 4.07
C LYS B 124 20.42 22.35 3.57
N ALA B 125 21.31 23.02 2.86
CA ALA B 125 21.10 24.39 2.41
C ALA B 125 19.93 24.37 1.38
N PHE B 126 19.88 23.34 0.55
CA PHE B 126 18.75 23.07 -0.39
C PHE B 126 17.42 22.78 0.30
N VAL B 127 17.46 22.13 1.44
CA VAL B 127 16.25 21.79 2.20
C VAL B 127 15.66 23.03 2.82
N SER B 128 16.45 23.91 3.41
CA SER B 128 15.87 25.18 3.97
C SER B 128 15.65 26.31 2.97
N ALA B 129 16.30 26.28 1.82
CA ALA B 129 15.96 27.25 0.77
C ALA B 129 14.52 27.01 0.35
N ASN B 130 14.07 25.77 0.47
CA ASN B 130 12.80 25.28 -0.12
C ASN B 130 11.62 24.83 0.76
N THR B 131 11.75 24.94 2.09
CA THR B 131 10.79 24.31 3.08
C THR B 131 11.04 25.03 4.39
N PRO B 132 10.10 24.98 5.35
CA PRO B 132 10.30 25.59 6.70
C PRO B 132 11.32 24.85 7.54
N LEU B 133 11.80 23.72 7.01
CA LEU B 133 12.63 22.80 7.83
C LEU B 133 14.02 23.40 8.02
N TYR B 134 14.82 22.86 8.91
CA TYR B 134 16.19 23.33 9.18
C TYR B 134 17.13 22.27 9.74
N ILE B 135 18.18 21.94 8.99
CA ILE B 135 19.22 21.05 9.55
C ILE B 135 20.43 21.60 10.55
N GLY B 136 21.67 21.90 10.15
CA GLY B 136 22.70 22.14 11.25
C GLY B 136 24.06 21.43 10.99
N ARG B 137 25.20 21.71 11.70
CA ARG B 137 25.26 22.33 13.02
C ARG B 137 25.11 21.42 14.31
N ASP B 138 26.15 21.35 15.16
CA ASP B 138 25.98 20.84 16.55
C ASP B 138 25.38 21.88 17.57
N GLY B 139 24.18 21.62 18.15
CA GLY B 139 23.82 22.20 19.50
C GLY B 139 23.25 23.62 19.52
N CYS B 140 22.13 23.84 20.20
CA CYS B 140 21.37 25.12 20.10
C CYS B 140 20.71 25.52 21.43
#